data_2XXP
#
_entry.id   2XXP
#
_cell.length_a   73.560
_cell.length_b   73.560
_cell.length_c   163.480
_cell.angle_alpha   90.00
_cell.angle_beta   90.00
_cell.angle_gamma   90.00
#
_symmetry.space_group_name_H-M   'P 43 21 2'
#
loop_
_entity.id
_entity.type
_entity.pdbx_description
1 polymer CPS2A
2 non-polymer 'MONO-TRANS, OCTA-CIS DECAPRENYL-PHOSPHATE'
3 non-polymer DI(HYDROXYETHYL)ETHER
4 water water
#
_entity_poly.entity_id   1
_entity_poly.type   'polypeptide(L)'
_entity_poly.pdbx_seq_one_letter_code
;MGLTNRLNATSNYSEYSLSVAVLADSEIENVTQLTSVTAPTGTDNENIQKLLADIKSSQNTDLTVNQSSSYLAAYKSLIA
GETKAIVLNSVFENIIELEYPDYASKIKKIYTKGFTKKVEAPKTSKNQSFNIYVSGIDTYGPISSVSRSDVNILMTVNRD
TKKILLTTTPRDAYVPIADGGNNQKDKLTHAGIYGVDSSIHTLENLYGVDINYYVRLNFTSFLKMIDLLGGVDVHNDQEF
SALHGKFHFPVGNVHLDSEQALGFVRERYSLADGDRDRGRNQQKVIVAILQKLTSTEALKNYSTIINSLQDSIQTNVPLE
TMINLVNAQLESGGNYKVNSQDLKGTGRMDLPSYAMPDSNLYVMEIDDSSLAVVKAAIQDVMEGRKLAAALEHHHHHH
;
_entity_poly.pdbx_strand_id   A
#
# COMPACT_ATOMS: atom_id res chain seq x y z
N GLU A 15 15.50 -2.08 -1.28
CA GLU A 15 16.41 -0.99 -0.91
C GLU A 15 16.11 -0.43 0.49
N TYR A 16 16.83 -0.91 1.51
CA TYR A 16 16.68 -0.43 2.88
C TYR A 16 18.03 -0.55 3.59
N SER A 17 18.15 -0.01 4.78
CA SER A 17 19.42 -0.11 5.51
C SER A 17 19.17 -0.35 6.99
N LEU A 18 20.15 -0.95 7.65
CA LEU A 18 20.17 -0.96 9.09
C LEU A 18 21.34 -0.10 9.54
N SER A 19 21.14 0.64 10.61
CA SER A 19 22.20 1.49 11.13
CA SER A 19 22.18 1.48 11.14
C SER A 19 22.30 1.31 12.63
N VAL A 20 23.44 1.70 13.19
CA VAL A 20 23.55 1.86 14.62
C VAL A 20 23.35 3.35 14.88
N ALA A 21 22.36 3.66 15.72
CA ALA A 21 21.99 5.03 16.06
C ALA A 21 22.25 5.30 17.53
N VAL A 22 22.69 6.54 17.81
CA VAL A 22 22.89 7.02 19.18
C VAL A 22 22.21 8.38 19.25
N LEU A 23 22.12 8.97 20.44
CA LEU A 23 21.50 10.30 20.50
C LEU A 23 22.36 11.33 19.79
N ALA A 24 21.70 12.35 19.26
CA ALA A 24 22.38 13.38 18.45
C ALA A 24 23.60 13.96 19.17
N ASP A 25 23.51 14.10 20.49
CA ASP A 25 24.62 14.76 21.21
C ASP A 25 25.55 13.81 21.91
N SER A 26 25.45 12.54 21.55
CA SER A 26 26.29 11.53 22.13
C SER A 26 27.77 11.77 21.80
N GLU A 27 28.62 11.39 22.73
CA GLU A 27 30.06 11.49 22.53
C GLU A 27 30.52 10.34 21.65
N ILE A 28 29.65 9.35 21.47
CA ILE A 28 29.96 8.17 20.67
C ILE A 28 30.05 8.54 19.21
N GLU A 29 31.19 8.18 18.60
CA GLU A 29 31.53 8.55 17.24
C GLU A 29 31.53 7.33 16.33
N ASN A 30 31.80 6.17 16.92
CA ASN A 30 31.98 4.94 16.14
C ASN A 30 31.67 3.64 16.92
N VAL A 31 31.32 2.58 16.21
CA VAL A 31 30.79 1.38 16.86
C VAL A 31 31.82 0.65 17.78
N THR A 32 33.11 0.89 17.53
CA THR A 32 34.12 0.21 18.34
C THR A 32 34.08 0.72 19.77
N GLN A 33 33.42 1.85 20.01
CA GLN A 33 33.29 2.36 21.37
C GLN A 33 32.16 1.70 22.13
N LEU A 34 31.43 0.81 21.45
CA LEU A 34 30.26 0.18 22.06
C LEU A 34 30.55 -1.26 22.47
N THR A 35 29.81 -1.75 23.47
CA THR A 35 29.87 -3.17 23.82
C THR A 35 28.54 -3.89 23.64
N SER A 36 27.46 -3.12 23.56
CA SER A 36 26.15 -3.70 23.33
C SER A 36 25.30 -2.74 22.50
N VAL A 37 24.24 -3.29 21.93
CA VAL A 37 23.29 -2.47 21.17
C VAL A 37 21.89 -3.04 21.44
N THR A 38 20.92 -2.15 21.51
CA THR A 38 19.55 -2.53 21.76
C THR A 38 18.80 -2.75 20.44
N ALA A 39 18.08 -3.86 20.33
CA ALA A 39 17.50 -4.22 19.05
C ALA A 39 16.37 -5.25 19.18
N PRO A 40 15.40 -5.20 18.27
CA PRO A 40 14.29 -6.17 18.30
C PRO A 40 14.58 -7.51 17.60
N THR A 41 15.49 -8.29 18.17
CA THR A 41 15.86 -9.58 17.59
C THR A 41 14.71 -10.59 17.57
N GLY A 42 13.64 -10.30 18.32
CA GLY A 42 12.46 -11.13 18.30
C GLY A 42 11.65 -11.09 17.01
N THR A 43 11.73 -9.96 16.29
CA THR A 43 10.93 -9.78 15.06
C THR A 43 11.72 -9.37 13.83
N ASP A 44 12.99 -8.96 14.00
CA ASP A 44 13.79 -8.57 12.85
C ASP A 44 15.17 -9.20 12.90
N ASN A 45 15.22 -10.42 13.43
CA ASN A 45 16.49 -11.03 13.78
C ASN A 45 17.42 -11.27 12.61
N GLU A 46 16.86 -11.70 11.49
CA GLU A 46 17.69 -11.98 10.32
C GLU A 46 18.50 -10.75 9.91
N ASN A 47 17.81 -9.62 9.72
CA ASN A 47 18.47 -8.37 9.38
C ASN A 47 19.47 -7.97 10.46
N ILE A 48 19.04 -8.01 11.72
CA ILE A 48 19.89 -7.54 12.82
C ILE A 48 21.21 -8.33 12.87
N GLN A 49 21.10 -9.65 12.79
CA GLN A 49 22.29 -10.49 12.81
C GLN A 49 23.20 -10.20 11.63
N LYS A 50 22.64 -9.89 10.48
CA LYS A 50 23.49 -9.56 9.33
C LYS A 50 24.32 -8.32 9.64
N LEU A 51 23.67 -7.29 10.19
CA LEU A 51 24.39 -6.07 10.57
C LEU A 51 25.47 -6.42 11.58
N LEU A 52 25.11 -7.22 12.58
CA LEU A 52 26.05 -7.55 13.63
C LEU A 52 27.25 -8.35 13.08
N ALA A 53 26.99 -9.25 12.16
CA ALA A 53 28.10 -10.01 11.54
C ALA A 53 29.00 -9.10 10.70
N ASP A 54 28.39 -8.10 10.07
CA ASP A 54 29.06 -7.08 9.26
C ASP A 54 29.99 -6.22 10.11
N ILE A 55 29.49 -5.80 11.28
CA ILE A 55 30.31 -5.01 12.19
C ILE A 55 31.47 -5.83 12.77
N LYS A 56 31.19 -7.06 13.14
CA LYS A 56 32.25 -7.93 13.65
C LYS A 56 33.38 -8.15 12.62
N SER A 57 33.04 -8.14 11.33
CA SER A 57 34.01 -8.44 10.29
C SER A 57 34.76 -7.21 9.80
N SER A 58 34.12 -6.04 9.79
CA SER A 58 34.78 -4.86 9.25
C SER A 58 35.48 -4.06 10.34
N GLN A 59 35.02 -4.23 11.57
CA GLN A 59 35.43 -3.38 12.69
C GLN A 59 35.97 -4.22 13.82
N ASN A 60 35.87 -5.54 13.67
CA ASN A 60 36.36 -6.43 14.70
C ASN A 60 35.78 -6.10 16.08
N THR A 61 34.48 -5.78 16.10
CA THR A 61 33.78 -5.45 17.34
C THR A 61 32.59 -6.40 17.47
N ASP A 62 32.43 -7.01 18.65
CA ASP A 62 31.40 -8.05 18.82
C ASP A 62 30.36 -7.65 19.86
N LEU A 63 29.28 -7.00 19.40
CA LEU A 63 28.29 -6.43 20.31
C LEU A 63 27.32 -7.47 20.85
N THR A 64 27.04 -7.40 22.15
CA THR A 64 25.92 -8.15 22.71
C THR A 64 24.63 -7.40 22.36
N VAL A 65 23.52 -8.13 22.32
CA VAL A 65 22.24 -7.53 22.01
C VAL A 65 21.35 -7.48 23.25
N ASN A 66 20.84 -6.28 23.55
CA ASN A 66 19.77 -6.13 24.52
C ASN A 66 18.46 -6.11 23.77
N GLN A 67 17.73 -7.23 23.80
CA GLN A 67 16.51 -7.32 23.02
C GLN A 67 15.50 -6.26 23.45
N SER A 68 14.85 -5.62 22.47
CA SER A 68 13.70 -4.74 22.69
C SER A 68 12.48 -5.39 22.02
N SER A 69 11.29 -4.97 22.42
CA SER A 69 10.09 -5.60 21.89
C SER A 69 9.79 -5.10 20.48
N SER A 70 10.40 -3.98 20.08
CA SER A 70 10.17 -3.40 18.76
C SER A 70 11.18 -2.31 18.47
N TYR A 71 11.22 -1.83 17.23
CA TYR A 71 12.05 -0.67 16.91
C TYR A 71 11.60 0.58 17.69
N LEU A 72 10.28 0.76 17.80
CA LEU A 72 9.75 1.86 18.58
C LEU A 72 10.22 1.78 20.05
N ALA A 73 10.14 0.60 20.62
CA ALA A 73 10.58 0.42 22.01
C ALA A 73 12.08 0.71 22.16
N ALA A 74 12.88 0.27 21.18
CA ALA A 74 14.31 0.61 21.18
C ALA A 74 14.55 2.12 21.15
N TYR A 75 13.80 2.81 20.29
CA TYR A 75 13.90 4.24 20.15
C TYR A 75 13.57 4.89 21.49
N LYS A 76 12.48 4.43 22.11
CA LYS A 76 12.09 4.97 23.41
C LYS A 76 13.19 4.79 24.44
N SER A 77 13.80 3.62 24.47
CA SER A 77 14.89 3.31 25.40
C SER A 77 16.07 4.26 25.17
N LEU A 78 16.35 4.51 23.89
CA LEU A 78 17.43 5.42 23.52
C LEU A 78 17.18 6.85 24.02
N ILE A 79 15.99 7.39 23.75
CA ILE A 79 15.72 8.79 24.12
C ILE A 79 15.53 8.95 25.64
N ALA A 80 15.30 7.84 26.32
CA ALA A 80 15.17 7.81 27.78
C ALA A 80 16.51 7.56 28.49
N GLY A 81 17.58 7.38 27.71
CA GLY A 81 18.91 7.19 28.26
C GLY A 81 19.06 5.87 28.99
N GLU A 82 18.23 4.90 28.59
CA GLU A 82 18.26 3.55 29.12
C GLU A 82 19.20 2.64 28.34
N THR A 83 19.65 3.09 27.16
CA THR A 83 20.63 2.34 26.37
C THR A 83 21.42 3.40 25.64
N LYS A 84 22.68 3.12 25.32
CA LYS A 84 23.53 4.11 24.64
C LYS A 84 23.32 4.09 23.13
N ALA A 85 22.86 2.95 22.61
CA ALA A 85 22.82 2.75 21.16
C ALA A 85 21.76 1.71 20.77
N ILE A 86 21.19 1.91 19.59
CA ILE A 86 20.18 0.98 19.08
C ILE A 86 20.51 0.62 17.65
N VAL A 87 19.93 -0.49 17.23
CA VAL A 87 19.85 -0.77 15.81
C VAL A 87 18.56 -0.20 15.25
N LEU A 88 18.63 0.43 14.07
CA LEU A 88 17.41 0.97 13.45
C LEU A 88 17.35 0.45 12.02
N ASN A 89 16.27 -0.24 11.67
CA ASN A 89 16.00 -0.68 10.30
C ASN A 89 15.21 0.48 9.65
N SER A 90 15.68 0.98 8.53
CA SER A 90 15.12 2.19 7.94
C SER A 90 13.62 2.11 7.61
N VAL A 91 13.14 0.91 7.31
CA VAL A 91 11.70 0.73 7.06
C VAL A 91 10.95 1.25 8.31
N PHE A 92 11.50 0.94 9.47
CA PHE A 92 10.80 1.27 10.73
C PHE A 92 10.96 2.68 11.23
N GLU A 93 11.85 3.45 10.61
CA GLU A 93 11.90 4.90 10.89
C GLU A 93 10.52 5.49 10.62
N ASN A 94 9.88 5.05 9.54
CA ASN A 94 8.57 5.59 9.21
C ASN A 94 7.49 5.13 10.19
N ILE A 95 7.73 4.04 10.91
CA ILE A 95 6.78 3.61 11.95
C ILE A 95 6.99 4.44 13.22
N ILE A 96 8.25 4.61 13.61
CA ILE A 96 8.60 5.47 14.76
C ILE A 96 8.03 6.85 14.52
N GLU A 97 8.13 7.35 13.30
CA GLU A 97 7.67 8.71 12.97
C GLU A 97 6.19 8.90 13.29
N LEU A 98 5.43 7.80 13.28
CA LEU A 98 3.99 7.92 13.62
C LEU A 98 3.72 8.45 15.02
N GLU A 99 4.53 8.04 15.99
CA GLU A 99 4.39 8.53 17.38
C GLU A 99 5.42 9.61 17.71
N TYR A 100 6.54 9.64 16.97
CA TYR A 100 7.60 10.63 17.22
C TYR A 100 8.01 11.33 15.93
N PRO A 101 7.24 12.32 15.50
CA PRO A 101 7.50 12.92 14.19
C PRO A 101 8.85 13.61 14.08
N ASP A 102 9.44 14.00 15.20
CA ASP A 102 10.76 14.65 15.18
C ASP A 102 11.94 13.71 15.39
N TYR A 103 11.69 12.40 15.25
CA TYR A 103 12.71 11.43 15.68
C TYR A 103 14.02 11.67 14.93
N ALA A 104 13.95 12.12 13.67
CA ALA A 104 15.18 12.19 12.86
C ALA A 104 16.18 13.18 13.47
N SER A 105 15.65 14.25 14.07
CA SER A 105 16.47 15.29 14.65
C SER A 105 17.04 14.90 16.01
N LYS A 106 16.57 13.79 16.56
CA LYS A 106 17.00 13.38 17.90
C LYS A 106 18.22 12.43 17.88
N ILE A 107 18.57 11.95 16.68
CA ILE A 107 19.57 10.88 16.61
C ILE A 107 20.66 11.20 15.61
N LYS A 108 21.75 10.45 15.74
CA LYS A 108 22.73 10.38 14.67
C LYS A 108 23.06 8.93 14.42
N LYS A 109 23.56 8.64 13.23
CA LYS A 109 23.92 7.29 12.87
C LYS A 109 25.45 7.18 12.77
N ILE A 110 25.99 6.12 13.39
CA ILE A 110 27.45 5.96 13.41
C ILE A 110 27.94 4.76 12.61
N TYR A 111 27.01 3.93 12.12
CA TYR A 111 27.40 2.80 11.26
C TYR A 111 26.21 2.46 10.39
N THR A 112 26.42 2.23 9.09
CA THR A 112 25.26 2.01 8.21
C THR A 112 25.56 0.85 7.27
N LYS A 113 24.60 -0.05 7.09
CA LYS A 113 24.76 -1.18 6.17
C LYS A 113 23.56 -1.24 5.25
N GLY A 114 23.83 -1.23 3.94
CA GLY A 114 22.74 -1.33 2.99
C GLY A 114 22.32 -2.78 2.77
N PHE A 115 21.03 -2.95 2.51
CA PHE A 115 20.41 -4.23 2.25
C PHE A 115 19.56 -4.08 1.01
N THR A 116 19.19 -5.22 0.44
CA THR A 116 18.35 -5.24 -0.74
C THR A 116 17.30 -6.32 -0.64
N LYS A 117 16.17 -6.09 -1.30
CA LYS A 117 15.16 -7.11 -1.48
C LYS A 117 14.28 -6.69 -2.64
N LYS A 118 14.00 -7.63 -3.55
CA LYS A 118 12.98 -7.37 -4.56
C LYS A 118 11.61 -7.55 -3.95
N VAL A 119 10.67 -6.69 -4.34
CA VAL A 119 9.30 -6.85 -3.93
C VAL A 119 8.71 -8.06 -4.65
N GLU A 120 7.38 -8.14 -4.65
CA GLU A 120 6.67 -9.28 -5.20
C GLU A 120 7.15 -9.68 -6.60
N ALA A 121 7.60 -10.93 -6.75
CA ALA A 121 7.68 -11.51 -8.09
C ALA A 121 6.23 -11.62 -8.60
N PRO A 122 6.03 -11.40 -9.90
CA PRO A 122 4.66 -11.58 -10.38
C PRO A 122 4.39 -13.07 -10.54
N LYS A 123 3.15 -13.49 -10.39
CA LYS A 123 2.83 -14.89 -10.66
C LYS A 123 1.86 -14.96 -11.82
N THR A 124 2.24 -15.68 -12.86
CA THR A 124 1.36 -15.81 -14.03
C THR A 124 0.29 -16.84 -13.76
N SER A 125 -0.96 -16.42 -13.86
CA SER A 125 -2.07 -17.34 -13.71
C SER A 125 -2.03 -18.39 -14.81
N LYS A 126 -2.34 -19.63 -14.45
CA LYS A 126 -2.38 -20.72 -15.42
C LYS A 126 -3.69 -20.70 -16.21
N ASN A 127 -4.65 -19.88 -15.76
CA ASN A 127 -5.98 -19.92 -16.38
C ASN A 127 -6.50 -18.54 -16.76
N GLN A 128 -7.80 -18.44 -16.98
CA GLN A 128 -8.38 -17.26 -17.59
C GLN A 128 -8.44 -16.08 -16.63
N SER A 129 -8.10 -16.32 -15.37
CA SER A 129 -8.40 -15.31 -14.35
C SER A 129 -7.14 -14.90 -13.60
N PHE A 130 -7.05 -13.63 -13.21
CA PHE A 130 -5.91 -13.16 -12.42
C PHE A 130 -6.40 -12.05 -11.49
N ASN A 131 -5.58 -11.73 -10.49
CA ASN A 131 -5.89 -10.69 -9.52
C ASN A 131 -4.82 -9.62 -9.54
N ILE A 132 -5.20 -8.35 -9.61
CA ILE A 132 -4.22 -7.29 -9.50
CA ILE A 132 -4.26 -7.23 -9.54
C ILE A 132 -4.59 -6.39 -8.33
N TYR A 133 -3.59 -6.09 -7.52
CA TYR A 133 -3.83 -5.26 -6.34
C TYR A 133 -3.45 -3.83 -6.68
N VAL A 134 -4.35 -2.88 -6.43
CA VAL A 134 -4.07 -1.47 -6.68
C VAL A 134 -3.91 -0.74 -5.36
N SER A 135 -2.72 -0.16 -5.17
CA SER A 135 -2.39 0.55 -3.93
C SER A 135 -2.28 2.02 -4.25
N GLY A 136 -3.03 2.84 -3.54
CA GLY A 136 -2.94 4.28 -3.76
C GLY A 136 -2.35 4.96 -2.52
N ILE A 137 -1.26 5.67 -2.71
CA ILE A 137 -0.46 6.20 -1.60
C ILE A 137 -0.73 7.66 -1.37
N ASP A 138 -0.81 7.98 -0.08
CA ASP A 138 -1.23 9.24 0.51
C ASP A 138 -0.21 10.34 0.41
N THR A 139 0.28 10.62 -0.80
CA THR A 139 1.38 11.60 -0.92
C THR A 139 1.54 12.17 -2.33
N TYR A 140 2.09 13.37 -2.42
CA TYR A 140 2.55 13.92 -3.68
C TYR A 140 4.02 13.59 -3.80
N GLY A 141 4.57 13.80 -5.00
CA GLY A 141 6.00 13.67 -5.23
C GLY A 141 6.41 12.34 -5.82
N PRO A 142 7.71 12.05 -5.78
CA PRO A 142 8.29 10.80 -6.27
C PRO A 142 7.60 9.57 -5.70
N ILE A 143 7.43 8.59 -6.57
CA ILE A 143 6.66 7.41 -6.22
C ILE A 143 7.37 6.59 -5.15
N SER A 144 8.69 6.75 -5.05
CA SER A 144 9.42 5.95 -4.08
C SER A 144 9.19 6.43 -2.63
N SER A 145 8.63 7.63 -2.46
CA SER A 145 8.27 8.13 -1.12
C SER A 145 7.51 7.08 -0.35
N VAL A 146 7.87 6.87 0.92
CA VAL A 146 7.13 5.93 1.78
C VAL A 146 5.91 6.58 2.43
N SER A 147 4.73 5.92 2.35
CA SER A 147 3.60 6.42 3.11
C SER A 147 2.63 5.26 3.26
N ARG A 148 1.59 5.52 4.02
CA ARG A 148 0.53 4.56 4.18
C ARG A 148 -0.21 4.41 2.85
N SER A 149 -0.92 3.29 2.70
CA SER A 149 -1.68 3.03 1.50
C SER A 149 -3.18 3.19 1.80
N ASP A 150 -3.74 4.33 1.40
CA ASP A 150 -5.14 4.64 1.77
C ASP A 150 -6.12 4.06 0.77
N VAL A 151 -5.65 3.68 -0.42
CA VAL A 151 -6.51 3.00 -1.40
C VAL A 151 -5.98 1.58 -1.57
N ASN A 152 -6.88 0.59 -1.43
CA ASN A 152 -6.46 -0.80 -1.44
C ASN A 152 -7.54 -1.57 -2.17
N ILE A 153 -7.39 -1.69 -3.48
CA ILE A 153 -8.48 -2.28 -4.27
C ILE A 153 -7.95 -3.50 -4.97
N LEU A 154 -8.68 -4.61 -4.88
CA LEU A 154 -8.30 -5.84 -5.60
C LEU A 154 -9.16 -5.89 -6.86
N MET A 155 -8.52 -6.08 -8.01
CA MET A 155 -9.25 -6.26 -9.28
C MET A 155 -9.11 -7.71 -9.71
N THR A 156 -10.23 -8.41 -9.70
CA THR A 156 -10.28 -9.81 -10.13
C THR A 156 -10.79 -9.80 -11.55
N VAL A 157 -9.97 -10.31 -12.47
CA VAL A 157 -10.29 -10.26 -13.89
C VAL A 157 -10.42 -11.67 -14.43
N ASN A 158 -11.52 -11.94 -15.14
CA ASN A 158 -11.70 -13.21 -15.84
C ASN A 158 -11.81 -12.90 -17.32
N ARG A 159 -10.79 -13.28 -18.07
CA ARG A 159 -10.69 -12.92 -19.47
C ARG A 159 -11.58 -13.78 -20.36
N ASP A 160 -12.06 -14.89 -19.81
CA ASP A 160 -12.99 -15.76 -20.54
C ASP A 160 -14.41 -15.20 -20.50
N THR A 161 -14.86 -14.86 -19.31
CA THR A 161 -16.23 -14.36 -19.13
C THR A 161 -16.27 -12.86 -19.35
N LYS A 162 -15.11 -12.24 -19.47
CA LYS A 162 -15.05 -10.80 -19.64
C LYS A 162 -15.71 -10.08 -18.45
N LYS A 163 -15.33 -10.47 -17.23
CA LYS A 163 -15.93 -9.91 -16.03
C LYS A 163 -14.80 -9.41 -15.15
N ILE A 164 -15.02 -8.26 -14.53
CA ILE A 164 -14.07 -7.74 -13.58
C ILE A 164 -14.83 -7.47 -12.28
N LEU A 165 -14.21 -7.85 -11.15
CA LEU A 165 -14.81 -7.51 -9.85
C LEU A 165 -13.81 -6.62 -9.10
N LEU A 166 -14.27 -5.46 -8.63
CA LEU A 166 -13.45 -4.60 -7.78
C LEU A 166 -13.83 -4.84 -6.36
N THR A 167 -12.86 -5.29 -5.57
CA THR A 167 -13.12 -5.45 -4.14
C THR A 167 -12.34 -4.40 -3.38
N THR A 168 -13.07 -3.49 -2.73
CA THR A 168 -12.44 -2.44 -1.92
C THR A 168 -12.35 -2.87 -0.48
N THR A 169 -11.20 -2.63 0.13
CA THR A 169 -11.04 -2.90 1.57
C THR A 169 -10.75 -1.58 2.26
N PRO A 170 -11.60 -1.16 3.23
CA PRO A 170 -11.45 0.16 3.80
C PRO A 170 -10.05 0.38 4.39
N ARG A 171 -9.52 1.59 4.31
CA ARG A 171 -8.17 1.90 4.79
CA ARG A 171 -8.17 1.84 4.77
C ARG A 171 -8.00 1.58 6.28
N ASP A 172 -9.13 1.66 7.00
CA ASP A 172 -9.37 1.46 8.43
CA ASP A 172 -9.06 1.43 8.46
C ASP A 172 -9.37 -0.02 8.85
N ALA A 173 -9.54 -0.91 7.86
CA ALA A 173 -9.86 -2.31 8.18
C ALA A 173 -8.83 -2.92 9.14
N TYR A 174 -9.31 -3.54 10.19
CA TYR A 174 -8.43 -4.01 11.26
C TYR A 174 -8.09 -5.47 11.00
N VAL A 175 -6.92 -5.69 10.40
CA VAL A 175 -6.53 -7.02 9.94
C VAL A 175 -5.08 -7.35 10.34
N PRO A 176 -4.75 -8.66 10.39
CA PRO A 176 -3.35 -9.03 10.65
C PRO A 176 -2.46 -8.53 9.51
N ILE A 177 -1.46 -7.73 9.85
CA ILE A 177 -0.58 -7.13 8.83
C ILE A 177 0.65 -8.02 8.65
N ALA A 178 0.82 -8.53 7.44
CA ALA A 178 1.89 -9.46 7.12
C ALA A 178 3.29 -8.82 7.17
N ASP A 179 4.30 -9.67 7.22
CA ASP A 179 5.70 -9.27 7.09
C ASP A 179 6.12 -8.34 8.23
N GLY A 180 6.49 -7.11 7.93
CA GLY A 180 6.90 -6.18 8.96
C GLY A 180 5.85 -5.94 10.06
N GLY A 181 4.58 -6.18 9.73
CA GLY A 181 3.49 -6.06 10.71
C GLY A 181 3.42 -7.21 11.70
N ASN A 182 4.28 -8.22 11.48
CA ASN A 182 4.38 -9.37 12.41
C ASN A 182 3.05 -10.13 12.59
N ASN A 183 2.20 -10.05 11.57
CA ASN A 183 0.90 -10.70 11.58
C ASN A 183 0.02 -10.27 12.76
N GLN A 184 0.31 -9.09 13.29
CA GLN A 184 -0.52 -8.49 14.36
C GLN A 184 -1.57 -7.54 13.79
N LYS A 185 -2.70 -7.40 14.48
CA LYS A 185 -3.79 -6.61 13.91
C LYS A 185 -3.49 -5.11 13.92
N ASP A 186 -3.83 -4.45 12.82
CA ASP A 186 -3.65 -3.01 12.74
C ASP A 186 -4.49 -2.53 11.56
N LYS A 187 -4.63 -1.21 11.41
CA LYS A 187 -5.30 -0.74 10.21
C LYS A 187 -4.54 -1.05 8.91
N LEU A 188 -5.30 -1.51 7.94
CA LEU A 188 -4.71 -1.94 6.65
C LEU A 188 -3.78 -0.90 6.04
N THR A 189 -4.12 0.37 6.17
CA THR A 189 -3.32 1.42 5.54
C THR A 189 -1.87 1.39 6.03
N HIS A 190 -1.66 0.98 7.29
CA HIS A 190 -0.28 0.91 7.78
C HIS A 190 0.60 -0.12 7.05
N ALA A 191 -0.02 -1.15 6.46
CA ALA A 191 0.75 -2.17 5.74
C ALA A 191 1.59 -1.49 4.68
N GLY A 192 1.03 -0.43 4.08
CA GLY A 192 1.76 0.31 3.06
C GLY A 192 3.10 0.87 3.48
N ILE A 193 3.26 1.20 4.76
CA ILE A 193 4.51 1.76 5.27
C ILE A 193 5.58 0.66 5.28
N TYR A 194 5.20 -0.56 5.65
CA TYR A 194 6.14 -1.68 5.61
C TYR A 194 6.57 -1.97 4.18
N GLY A 195 5.66 -1.73 3.24
CA GLY A 195 5.98 -1.87 1.83
C GLY A 195 4.87 -2.55 1.07
N VAL A 196 4.92 -2.48 -0.26
CA VAL A 196 3.82 -3.03 -1.05
C VAL A 196 3.68 -4.54 -0.82
N ASP A 197 4.80 -5.25 -0.57
CA ASP A 197 4.83 -6.66 -0.21
CA ASP A 197 4.66 -6.68 -0.34
C ASP A 197 3.89 -6.95 0.96
N SER A 198 4.02 -6.09 1.96
CA SER A 198 3.24 -6.26 3.17
C SER A 198 1.76 -6.09 2.87
N SER A 199 1.42 -5.08 2.09
CA SER A 199 0.01 -4.91 1.69
C SER A 199 -0.50 -6.11 0.92
N ILE A 200 0.28 -6.58 -0.05
CA ILE A 200 -0.12 -7.71 -0.87
C ILE A 200 -0.36 -8.95 -0.04
N HIS A 201 0.61 -9.30 0.81
CA HIS A 201 0.46 -10.51 1.61
C HIS A 201 -0.69 -10.37 2.61
N THR A 202 -0.87 -9.17 3.15
CA THR A 202 -1.98 -8.94 4.09
C THR A 202 -3.31 -9.26 3.43
N LEU A 203 -3.52 -8.77 2.20
CA LEU A 203 -4.77 -9.03 1.50
C LEU A 203 -4.88 -10.48 0.97
N GLU A 204 -3.76 -11.06 0.54
CA GLU A 204 -3.78 -12.48 0.21
C GLU A 204 -4.28 -13.32 1.39
N ASN A 205 -3.75 -13.03 2.57
CA ASN A 205 -4.16 -13.78 3.77
C ASN A 205 -5.63 -13.54 4.15
N LEU A 206 -6.06 -12.29 4.04
CA LEU A 206 -7.44 -11.90 4.39
C LEU A 206 -8.43 -12.61 3.48
N TYR A 207 -8.19 -12.56 2.16
CA TYR A 207 -9.18 -13.07 1.21
C TYR A 207 -8.90 -14.47 0.66
N GLY A 208 -7.77 -15.06 1.04
CA GLY A 208 -7.43 -16.42 0.61
C GLY A 208 -7.26 -16.58 -0.90
N VAL A 209 -6.58 -15.63 -1.52
CA VAL A 209 -6.35 -15.67 -2.97
C VAL A 209 -4.92 -15.26 -3.24
N ASP A 210 -4.37 -15.71 -4.36
CA ASP A 210 -3.08 -15.22 -4.78
C ASP A 210 -3.28 -13.91 -5.52
N ILE A 211 -2.45 -12.93 -5.21
CA ILE A 211 -2.44 -11.69 -5.98
C ILE A 211 -1.33 -11.79 -7.03
N ASN A 212 -1.72 -11.81 -8.31
CA ASN A 212 -0.73 -12.03 -9.36
C ASN A 212 0.17 -10.82 -9.59
N TYR A 213 -0.40 -9.63 -9.51
CA TYR A 213 0.34 -8.41 -9.84
C TYR A 213 -0.09 -7.28 -8.94
N TYR A 214 0.72 -6.22 -8.91
CA TYR A 214 0.26 -5.01 -8.22
C TYR A 214 0.57 -3.78 -9.09
N VAL A 215 -0.12 -2.69 -8.76
CA VAL A 215 0.27 -1.38 -9.25
CA VAL A 215 0.22 -1.37 -9.26
C VAL A 215 0.16 -0.42 -8.06
N ARG A 216 1.19 0.38 -7.89
CA ARG A 216 1.23 1.33 -6.79
C ARG A 216 1.36 2.73 -7.35
N LEU A 217 0.54 3.65 -6.87
CA LEU A 217 0.62 4.98 -7.42
C LEU A 217 0.26 5.99 -6.34
N ASN A 218 0.72 7.22 -6.49
CA ASN A 218 0.37 8.29 -5.54
C ASN A 218 -0.42 9.43 -6.18
N PHE A 219 -0.64 10.50 -5.44
CA PHE A 219 -1.43 11.59 -6.02
C PHE A 219 -0.83 12.08 -7.32
N THR A 220 0.48 12.28 -7.32
CA THR A 220 1.16 12.80 -8.50
C THR A 220 0.97 11.84 -9.67
N SER A 221 1.11 10.54 -9.39
CA SER A 221 0.90 9.52 -10.43
C SER A 221 -0.51 9.56 -11.02
N PHE A 222 -1.51 9.66 -10.14
CA PHE A 222 -2.90 9.65 -10.56
C PHE A 222 -3.25 10.85 -11.48
N LEU A 223 -2.82 12.05 -11.07
CA LEU A 223 -3.08 13.25 -11.84
C LEU A 223 -2.58 13.09 -13.29
N LYS A 224 -1.34 12.65 -13.42
CA LYS A 224 -0.70 12.37 -14.73
C LYS A 224 -1.52 11.45 -15.61
N MET A 225 -1.92 10.33 -15.03
CA MET A 225 -2.74 9.36 -15.69
C MET A 225 -4.06 9.93 -16.20
N ILE A 226 -4.81 10.65 -15.37
CA ILE A 226 -6.11 11.11 -15.84
C ILE A 226 -5.96 12.07 -17.03
N ASP A 227 -4.92 12.88 -16.95
CA ASP A 227 -4.63 13.85 -17.98
C ASP A 227 -4.35 13.15 -19.31
N LEU A 228 -3.47 12.15 -19.24
CA LEU A 228 -2.96 11.46 -20.42
C LEU A 228 -4.16 10.82 -21.10
N LEU A 229 -5.14 10.42 -20.30
CA LEU A 229 -6.31 9.74 -20.82
C LEU A 229 -7.37 10.69 -21.36
N GLY A 230 -7.19 11.98 -21.12
CA GLY A 230 -8.16 12.97 -21.57
C GLY A 230 -9.27 13.20 -20.55
N GLY A 231 -8.96 12.97 -19.28
CA GLY A 231 -9.98 13.07 -18.24
C GLY A 231 -10.81 11.80 -18.25
N VAL A 232 -11.73 11.67 -17.31
CA VAL A 232 -12.62 10.50 -17.27
C VAL A 232 -14.11 10.90 -17.13
N ASP A 233 -15.01 10.03 -17.54
CA ASP A 233 -16.43 10.35 -17.41
C ASP A 233 -17.12 9.39 -16.48
N VAL A 234 -17.85 9.94 -15.50
CA VAL A 234 -18.56 9.11 -14.52
C VAL A 234 -20.01 9.57 -14.39
N HIS A 235 -20.84 8.75 -13.78
CA HIS A 235 -22.19 9.17 -13.48
C HIS A 235 -22.28 9.33 -12.00
N ASN A 236 -22.55 10.56 -11.55
CA ASN A 236 -22.60 10.86 -10.15
C ASN A 236 -24.03 10.76 -9.62
N ASP A 237 -24.18 10.10 -8.48
CA ASP A 237 -25.49 9.76 -7.91
C ASP A 237 -25.92 10.75 -6.84
N GLN A 238 -24.95 11.45 -6.24
CA GLN A 238 -25.28 12.39 -5.18
C GLN A 238 -24.46 13.66 -5.33
N GLU A 239 -25.14 14.79 -5.21
CA GLU A 239 -24.42 16.06 -5.27
C GLU A 239 -23.46 16.16 -4.09
N PHE A 240 -22.23 16.56 -4.36
CA PHE A 240 -21.28 16.79 -3.28
C PHE A 240 -20.17 17.73 -3.71
N SER A 241 -19.45 18.27 -2.75
CA SER A 241 -18.26 19.02 -3.06
C SER A 241 -17.06 18.41 -2.36
N ALA A 242 -15.88 18.62 -2.93
CA ALA A 242 -14.66 18.01 -2.41
C ALA A 242 -13.55 19.04 -2.13
N LEU A 243 -12.62 18.67 -1.25
CA LEU A 243 -11.44 19.48 -0.94
C LEU A 243 -11.85 20.85 -0.43
N HIS A 244 -12.62 20.84 0.65
CA HIS A 244 -13.04 22.10 1.28
C HIS A 244 -13.71 23.02 0.27
N GLY A 245 -14.60 22.48 -0.54
CA GLY A 245 -15.42 23.28 -1.43
C GLY A 245 -14.84 23.62 -2.79
N LYS A 246 -13.61 23.21 -3.06
CA LYS A 246 -12.96 23.64 -4.28
C LYS A 246 -13.72 23.12 -5.51
N PHE A 247 -14.16 21.87 -5.44
CA PHE A 247 -14.87 21.28 -6.56
C PHE A 247 -16.30 20.92 -6.19
N HIS A 248 -17.20 21.10 -7.15
CA HIS A 248 -18.59 20.79 -6.95
C HIS A 248 -19.04 19.78 -8.01
N PHE A 249 -19.70 18.71 -7.56
CA PHE A 249 -20.16 17.67 -8.46
C PHE A 249 -21.67 17.50 -8.38
N PRO A 250 -22.35 17.92 -9.45
CA PRO A 250 -23.80 17.75 -9.54
C PRO A 250 -24.19 16.30 -9.83
N VAL A 251 -25.46 16.00 -9.63
CA VAL A 251 -26.00 14.71 -10.01
C VAL A 251 -25.96 14.61 -11.52
N GLY A 252 -25.67 13.41 -12.02
CA GLY A 252 -25.67 13.19 -13.46
C GLY A 252 -24.31 12.88 -14.04
N ASN A 253 -24.22 12.95 -15.36
CA ASN A 253 -22.98 12.67 -16.04
C ASN A 253 -22.01 13.81 -15.86
N VAL A 254 -20.82 13.49 -15.37
CA VAL A 254 -19.79 14.46 -15.06
C VAL A 254 -18.50 14.11 -15.75
N HIS A 255 -17.91 15.06 -16.46
CA HIS A 255 -16.55 14.87 -16.93
C HIS A 255 -15.55 15.41 -15.90
N LEU A 256 -14.55 14.60 -15.56
CA LEU A 256 -13.53 14.97 -14.57
C LEU A 256 -12.16 15.16 -15.17
N ASP A 257 -11.62 16.37 -15.09
CA ASP A 257 -10.22 16.56 -15.44
C ASP A 257 -9.38 16.04 -14.28
N SER A 258 -8.06 16.14 -14.37
CA SER A 258 -7.23 15.51 -13.36
C SER A 258 -7.48 16.02 -11.92
N GLU A 259 -7.42 17.33 -11.70
CA GLU A 259 -7.61 17.85 -10.33
C GLU A 259 -9.01 17.55 -9.79
N GLN A 260 -10.02 17.66 -10.65
CA GLN A 260 -11.39 17.29 -10.27
C GLN A 260 -11.47 15.81 -9.87
N ALA A 261 -10.89 14.93 -10.71
CA ALA A 261 -10.93 13.49 -10.39
C ALA A 261 -10.27 13.20 -9.06
N LEU A 262 -9.18 13.90 -8.75
CA LEU A 262 -8.48 13.62 -7.50
C LEU A 262 -9.37 14.03 -6.30
N GLY A 263 -10.07 15.15 -6.45
CA GLY A 263 -11.02 15.60 -5.44
C GLY A 263 -12.15 14.59 -5.30
N PHE A 264 -12.66 14.15 -6.44
CA PHE A 264 -13.74 13.16 -6.50
C PHE A 264 -13.44 11.86 -5.76
N VAL A 265 -12.19 11.40 -5.79
CA VAL A 265 -11.88 10.16 -5.09
C VAL A 265 -11.37 10.35 -3.66
N ARG A 266 -11.17 11.59 -3.23
CA ARG A 266 -10.69 11.86 -1.87
C ARG A 266 -11.77 12.22 -0.86
N GLU A 267 -12.87 12.81 -1.32
CA GLU A 267 -13.88 13.28 -0.37
C GLU A 267 -14.59 12.16 0.37
N ARG A 268 -14.83 12.35 1.66
CA ARG A 268 -15.52 11.35 2.46
C ARG A 268 -16.65 11.94 3.31
N TYR A 269 -16.31 12.90 4.14
CA TYR A 269 -17.17 13.21 5.30
C TYR A 269 -18.60 13.61 4.99
N SER A 270 -18.78 14.31 3.87
CA SER A 270 -20.09 14.88 3.56
C SER A 270 -20.92 13.92 2.72
N LEU A 271 -20.35 12.77 2.40
CA LEU A 271 -21.10 11.82 1.60
C LEU A 271 -22.09 11.10 2.47
N ALA A 272 -23.23 10.74 1.89
CA ALA A 272 -24.30 10.12 2.67
C ALA A 272 -23.80 8.91 3.46
N ASP A 273 -22.96 8.11 2.81
CA ASP A 273 -22.43 6.89 3.44
C ASP A 273 -20.90 6.97 3.61
N GLY A 274 -20.37 8.18 3.74
CA GLY A 274 -19.00 8.36 4.18
C GLY A 274 -17.97 7.53 3.40
N ASP A 275 -17.12 6.81 4.12
CA ASP A 275 -16.01 6.07 3.46
C ASP A 275 -16.50 5.03 2.44
N ARG A 276 -17.65 4.43 2.70
CA ARG A 276 -18.22 3.51 1.73
C ARG A 276 -18.57 4.18 0.38
N ASP A 277 -19.14 5.38 0.46
CA ASP A 277 -19.43 6.15 -0.75
C ASP A 277 -18.14 6.61 -1.42
N ARG A 278 -17.12 6.91 -0.63
CA ARG A 278 -15.84 7.29 -1.22
C ARG A 278 -15.29 6.09 -1.95
N GLY A 279 -15.42 4.91 -1.34
CA GLY A 279 -14.99 3.69 -2.00
C GLY A 279 -15.72 3.49 -3.33
N ARG A 280 -17.02 3.76 -3.35
CA ARG A 280 -17.77 3.65 -4.61
C ARG A 280 -17.34 4.67 -5.64
N ASN A 281 -16.97 5.86 -5.18
CA ASN A 281 -16.50 6.88 -6.10
C ASN A 281 -15.15 6.46 -6.71
N GLN A 282 -14.29 5.86 -5.89
CA GLN A 282 -13.01 5.35 -6.41
C GLN A 282 -13.26 4.28 -7.48
N GLN A 283 -14.26 3.43 -7.24
CA GLN A 283 -14.62 2.38 -8.18
C GLN A 283 -15.14 2.96 -9.48
N LYS A 284 -15.96 4.00 -9.38
CA LYS A 284 -16.51 4.65 -10.57
C LYS A 284 -15.37 5.18 -11.43
N VAL A 285 -14.39 5.78 -10.78
CA VAL A 285 -13.23 6.31 -11.50
C VAL A 285 -12.41 5.18 -12.15
N ILE A 286 -12.23 4.05 -11.45
CA ILE A 286 -11.52 2.91 -12.06
C ILE A 286 -12.24 2.44 -13.30
N VAL A 287 -13.57 2.32 -13.22
CA VAL A 287 -14.32 1.85 -14.37
C VAL A 287 -14.10 2.84 -15.53
N ALA A 288 -14.14 4.12 -15.19
CA ALA A 288 -13.94 5.17 -16.20
C ALA A 288 -12.55 5.14 -16.84
N ILE A 289 -11.51 4.94 -16.02
CA ILE A 289 -10.14 4.77 -16.51
C ILE A 289 -10.05 3.55 -17.44
N LEU A 290 -10.68 2.45 -17.05
CA LEU A 290 -10.62 1.24 -17.88
C LEU A 290 -11.27 1.47 -19.23
N GLN A 291 -12.38 2.20 -19.23
CA GLN A 291 -13.03 2.61 -20.49
C GLN A 291 -12.07 3.41 -21.37
N LYS A 292 -11.24 4.25 -20.79
CA LYS A 292 -10.29 5.03 -21.59
C LYS A 292 -9.12 4.17 -22.04
N LEU A 293 -8.65 3.30 -21.16
CA LEU A 293 -7.47 2.46 -21.48
C LEU A 293 -7.79 1.40 -22.52
N THR A 294 -9.07 1.08 -22.69
CA THR A 294 -9.44 0.06 -23.68
C THR A 294 -10.01 0.70 -24.94
N SER A 295 -9.81 2.00 -25.09
CA SER A 295 -10.18 2.65 -26.35
C SER A 295 -9.19 2.22 -27.42
N THR A 296 -9.57 2.24 -28.69
CA THR A 296 -8.64 1.75 -29.70
C THR A 296 -7.35 2.59 -29.72
N GLU A 297 -7.49 3.90 -29.52
CA GLU A 297 -6.34 4.79 -29.53
C GLU A 297 -5.37 4.45 -28.38
N ALA A 298 -5.89 4.27 -27.17
CA ALA A 298 -5.02 3.97 -26.01
C ALA A 298 -4.31 2.63 -26.21
N LEU A 299 -5.05 1.65 -26.72
CA LEU A 299 -4.45 0.34 -26.93
C LEU A 299 -3.35 0.43 -27.97
N LYS A 300 -3.63 1.09 -29.09
CA LYS A 300 -2.62 1.21 -30.14
C LYS A 300 -1.38 1.92 -29.60
N ASN A 301 -1.59 2.89 -28.71
CA ASN A 301 -0.52 3.75 -28.20
C ASN A 301 -0.07 3.43 -26.77
N TYR A 302 -0.25 2.17 -26.39
CA TYR A 302 0.10 1.69 -25.07
C TYR A 302 1.58 1.98 -24.69
N SER A 303 2.51 1.86 -25.64
CA SER A 303 3.92 2.11 -25.33
C SER A 303 4.12 3.54 -24.90
N THR A 304 3.43 4.46 -25.56
CA THR A 304 3.52 5.87 -25.15
C THR A 304 3.00 6.06 -23.74
N ILE A 305 1.90 5.37 -23.40
CA ILE A 305 1.35 5.46 -22.07
C ILE A 305 2.30 4.84 -21.05
N ILE A 306 2.88 3.67 -21.36
CA ILE A 306 3.92 3.10 -20.49
C ILE A 306 5.05 4.15 -20.29
N ASN A 307 5.53 4.74 -21.38
CA ASN A 307 6.62 5.71 -21.30
C ASN A 307 6.26 6.90 -20.43
N SER A 308 5.00 7.29 -20.51
CA SER A 308 4.57 8.53 -19.88
C SER A 308 4.35 8.35 -18.38
N LEU A 309 4.08 7.12 -17.95
CA LEU A 309 3.75 6.84 -16.56
C LEU A 309 4.80 6.03 -15.80
N GLN A 310 5.81 5.48 -16.49
CA GLN A 310 6.69 4.50 -15.84
C GLN A 310 7.45 5.08 -14.63
N ASP A 311 7.76 6.36 -14.65
CA ASP A 311 8.54 6.88 -13.55
C ASP A 311 7.67 7.34 -12.38
N SER A 312 6.36 7.19 -12.49
CA SER A 312 5.50 7.60 -11.36
C SER A 312 4.56 6.51 -10.90
N ILE A 313 4.56 5.38 -11.58
CA ILE A 313 3.73 4.25 -11.15
C ILE A 313 4.54 2.97 -11.09
N GLN A 314 4.61 2.36 -9.91
CA GLN A 314 5.28 1.08 -9.77
C GLN A 314 4.37 -0.09 -10.05
N THR A 315 4.91 -1.07 -10.80
CA THR A 315 4.15 -2.28 -11.05
C THR A 315 5.08 -3.44 -11.29
N ASN A 316 4.63 -4.64 -10.99
CA ASN A 316 5.37 -5.84 -11.36
C ASN A 316 4.71 -6.57 -12.53
N VAL A 317 3.74 -5.94 -13.19
CA VAL A 317 3.17 -6.57 -14.40
C VAL A 317 4.27 -6.67 -15.46
N PRO A 318 4.57 -7.88 -15.93
CA PRO A 318 5.66 -7.97 -16.91
C PRO A 318 5.33 -7.27 -18.23
N LEU A 319 6.35 -6.77 -18.93
CA LEU A 319 6.07 -6.15 -20.21
C LEU A 319 5.35 -7.11 -21.17
N GLU A 320 5.77 -8.38 -21.23
CA GLU A 320 5.10 -9.30 -22.13
C GLU A 320 3.61 -9.45 -21.81
N THR A 321 3.29 -9.35 -20.52
CA THR A 321 1.91 -9.55 -20.11
C THR A 321 1.07 -8.35 -20.53
N MET A 322 1.61 -7.15 -20.34
CA MET A 322 0.95 -5.93 -20.81
CA MET A 322 0.95 -5.93 -20.83
C MET A 322 0.68 -6.05 -22.32
N ILE A 323 1.70 -6.48 -23.08
CA ILE A 323 1.57 -6.62 -24.52
C ILE A 323 0.48 -7.64 -24.88
N ASN A 324 0.44 -8.76 -24.16
CA ASN A 324 -0.62 -9.76 -24.41
C ASN A 324 -2.02 -9.22 -24.10
N LEU A 325 -2.15 -8.55 -22.95
CA LEU A 325 -3.46 -8.03 -22.57
C LEU A 325 -3.96 -7.00 -23.58
N VAL A 326 -3.06 -6.10 -23.95
CA VAL A 326 -3.38 -5.05 -24.91
C VAL A 326 -3.77 -5.64 -26.24
N ASN A 327 -2.95 -6.53 -26.76
CA ASN A 327 -3.21 -6.98 -28.11
C ASN A 327 -4.43 -7.89 -28.20
N ALA A 328 -4.69 -8.66 -27.15
CA ALA A 328 -5.88 -9.49 -27.13
C ALA A 328 -7.11 -8.60 -27.23
N GLN A 329 -7.08 -7.50 -26.48
CA GLN A 329 -8.20 -6.59 -26.44
C GLN A 329 -8.32 -5.90 -27.81
N LEU A 330 -7.17 -5.53 -28.38
CA LEU A 330 -7.11 -4.88 -29.70
C LEU A 330 -7.81 -5.69 -30.76
N GLU A 331 -7.60 -7.00 -30.70
CA GLU A 331 -8.08 -7.89 -31.75
C GLU A 331 -9.52 -8.33 -31.54
N SER A 332 -9.87 -8.67 -30.31
CA SER A 332 -11.18 -9.24 -30.05
C SER A 332 -12.19 -8.15 -29.72
N GLY A 333 -11.69 -7.01 -29.24
CA GLY A 333 -12.55 -5.96 -28.73
C GLY A 333 -13.45 -6.49 -27.63
N GLY A 334 -14.65 -5.92 -27.49
CA GLY A 334 -15.61 -6.38 -26.52
C GLY A 334 -15.31 -5.88 -25.12
N ASN A 335 -16.32 -5.34 -24.46
CA ASN A 335 -16.08 -4.72 -23.17
C ASN A 335 -16.15 -5.66 -21.97
N TYR A 336 -15.46 -5.30 -20.90
CA TYR A 336 -15.60 -6.01 -19.66
C TYR A 336 -16.80 -5.44 -18.88
N LYS A 337 -17.56 -6.31 -18.25
CA LYS A 337 -18.60 -5.87 -17.33
C LYS A 337 -17.93 -5.81 -15.97
N VAL A 338 -18.14 -4.70 -15.26
CA VAL A 338 -17.50 -4.49 -13.96
C VAL A 338 -18.48 -4.49 -12.81
N ASN A 339 -18.24 -5.35 -11.82
CA ASN A 339 -18.98 -5.28 -10.57
C ASN A 339 -18.06 -4.87 -9.43
N SER A 340 -18.66 -4.34 -8.37
CA SER A 340 -17.91 -3.84 -7.22
C SER A 340 -18.50 -4.34 -5.92
N GLN A 341 -17.66 -4.40 -4.89
CA GLN A 341 -18.06 -4.76 -3.56
C GLN A 341 -17.07 -4.18 -2.57
N ASP A 342 -17.47 -4.10 -1.30
CA ASP A 342 -16.58 -3.54 -0.28
C ASP A 342 -16.75 -4.35 0.99
N LEU A 343 -15.64 -4.55 1.69
CA LEU A 343 -15.68 -5.27 2.96
C LEU A 343 -16.30 -4.37 4.03
N LYS A 344 -17.31 -4.89 4.73
CA LYS A 344 -18.04 -4.14 5.74
C LYS A 344 -17.51 -4.38 7.14
N GLY A 345 -17.76 -3.42 8.03
CA GLY A 345 -17.34 -3.57 9.43
C GLY A 345 -17.92 -2.51 10.35
N THR A 346 -17.43 -2.49 11.58
CA THR A 346 -17.91 -1.58 12.62
C THR A 346 -16.76 -0.72 13.15
N GLY A 347 -16.95 0.61 13.17
CA GLY A 347 -15.91 1.48 13.70
C GLY A 347 -15.72 1.32 15.20
N ARG A 348 -14.46 1.29 15.64
CA ARG A 348 -14.11 1.18 17.04
C ARG A 348 -12.91 2.06 17.38
N MET A 349 -12.86 2.58 18.62
CA MET A 349 -11.70 3.36 19.07
C MET A 349 -10.92 2.65 20.14
N ASP A 350 -11.41 1.48 20.55
CA ASP A 350 -10.80 0.81 21.69
C ASP A 350 -9.92 -0.40 21.36
N LEU A 351 -9.53 -0.56 20.09
CA LEU A 351 -8.70 -1.69 19.71
C LEU A 351 -7.27 -1.18 19.49
N PRO A 352 -6.27 -1.95 19.94
CA PRO A 352 -4.89 -1.45 19.83
C PRO A 352 -4.30 -1.50 18.41
N SER A 353 -3.53 -0.47 18.07
CA SER A 353 -2.78 -0.44 16.81
C SER A 353 -1.41 -1.04 17.07
N TYR A 354 -1.05 -2.07 16.32
CA TYR A 354 0.28 -2.62 16.56
C TYR A 354 1.42 -1.60 16.32
N ALA A 355 1.28 -0.78 15.27
CA ALA A 355 2.33 0.18 14.94
C ALA A 355 2.40 1.35 15.92
N MET A 356 1.23 1.71 16.44
CA MET A 356 1.10 2.89 17.31
C MET A 356 0.44 2.50 18.62
N PRO A 357 1.17 1.77 19.46
CA PRO A 357 0.58 1.17 20.65
C PRO A 357 0.15 2.20 21.68
N ASP A 358 0.66 3.43 21.59
CA ASP A 358 0.32 4.47 22.57
C ASP A 358 -0.87 5.38 22.20
N SER A 359 -1.40 5.23 21.00
CA SER A 359 -2.47 6.10 20.49
C SER A 359 -3.81 5.36 20.46
N ASN A 360 -4.91 6.06 20.73
CA ASN A 360 -6.21 5.51 20.37
C ASN A 360 -6.55 5.87 18.96
N LEU A 361 -6.68 4.88 18.07
CA LEU A 361 -6.97 5.14 16.66
C LEU A 361 -8.35 4.57 16.33
N TYR A 362 -9.00 5.18 15.36
CA TYR A 362 -10.21 4.58 14.79
C TYR A 362 -9.77 3.40 13.91
N VAL A 363 -10.37 2.23 14.13
CA VAL A 363 -10.18 1.08 13.25
C VAL A 363 -11.55 0.52 12.90
N MET A 364 -11.61 -0.22 11.81
CA MET A 364 -12.86 -0.88 11.43
C MET A 364 -12.75 -2.37 11.70
N GLU A 365 -13.47 -2.82 12.71
CA GLU A 365 -13.53 -4.25 13.00
C GLU A 365 -14.34 -4.96 11.90
N ILE A 366 -13.73 -5.95 11.26
CA ILE A 366 -14.35 -6.61 10.11
C ILE A 366 -15.61 -7.40 10.48
N ASP A 367 -16.65 -7.29 9.65
CA ASP A 367 -17.85 -8.09 9.84
C ASP A 367 -17.62 -9.47 9.18
N ASP A 368 -17.64 -10.53 9.99
CA ASP A 368 -17.34 -11.87 9.48
C ASP A 368 -18.30 -12.31 8.38
N SER A 369 -19.57 -11.94 8.50
CA SER A 369 -20.50 -12.33 7.45
C SER A 369 -20.16 -11.65 6.12
N SER A 370 -19.75 -10.39 6.17
CA SER A 370 -19.33 -9.67 4.96
C SER A 370 -18.06 -10.30 4.37
N LEU A 371 -17.11 -10.66 5.23
CA LEU A 371 -15.88 -11.28 4.75
C LEU A 371 -16.19 -12.56 3.96
N ALA A 372 -17.11 -13.37 4.47
CA ALA A 372 -17.48 -14.61 3.78
C ALA A 372 -18.07 -14.31 2.41
N VAL A 373 -18.98 -13.34 2.37
CA VAL A 373 -19.61 -12.97 1.10
C VAL A 373 -18.60 -12.39 0.09
N VAL A 374 -17.67 -11.55 0.59
CA VAL A 374 -16.67 -10.94 -0.27
C VAL A 374 -15.75 -12.03 -0.82
N LYS A 375 -15.31 -12.95 0.03
CA LYS A 375 -14.44 -14.04 -0.46
C LYS A 375 -15.14 -14.91 -1.51
N ALA A 376 -16.40 -15.25 -1.25
CA ALA A 376 -17.14 -16.07 -2.20
C ALA A 376 -17.31 -15.40 -3.56
N ALA A 377 -17.45 -14.08 -3.57
CA ALA A 377 -17.65 -13.33 -4.81
C ALA A 377 -16.37 -13.34 -5.64
N ILE A 378 -15.23 -13.17 -4.97
CA ILE A 378 -13.95 -13.26 -5.65
C ILE A 378 -13.79 -14.62 -6.30
N GLN A 379 -14.07 -15.69 -5.55
CA GLN A 379 -14.03 -17.04 -6.10
C GLN A 379 -14.99 -17.21 -7.29
N ASP A 380 -16.23 -16.72 -7.16
CA ASP A 380 -17.21 -16.85 -8.26
C ASP A 380 -16.67 -16.20 -9.53
N VAL A 381 -16.19 -14.98 -9.42
CA VAL A 381 -15.67 -14.33 -10.62
C VAL A 381 -14.46 -15.07 -11.21
N MET A 382 -13.55 -15.53 -10.37
CA MET A 382 -12.39 -16.25 -10.85
C MET A 382 -12.81 -17.51 -11.60
N GLU A 383 -13.82 -18.17 -11.06
CA GLU A 383 -14.22 -19.48 -11.56
C GLU A 383 -15.24 -19.43 -12.70
N GLY A 384 -15.69 -18.23 -13.06
CA GLY A 384 -16.69 -18.10 -14.10
C GLY A 384 -18.12 -18.35 -13.64
N ARG A 385 -18.38 -18.21 -12.35
CA ARG A 385 -19.73 -18.37 -11.81
C ARG A 385 -20.44 -17.02 -11.65
N LYS A 386 -21.75 -17.00 -11.86
CA LYS A 386 -22.53 -15.78 -11.66
C LYS A 386 -22.42 -15.29 -10.21
N LEU A 387 -22.41 -13.97 -10.03
CA LEU A 387 -22.38 -13.37 -8.70
C LEU A 387 -23.69 -13.57 -7.96
N ALA A 388 -23.62 -13.83 -6.66
CA ALA A 388 -24.80 -13.98 -5.83
C ALA A 388 -25.50 -12.64 -5.64
#